data_1SQ1
#
_entry.id   1SQ1
#
_cell.length_a   73.600
_cell.length_b   73.600
_cell.length_c   338.559
_cell.angle_alpha   90.00
_cell.angle_beta   90.00
_cell.angle_gamma   90.00
#
_symmetry.space_group_name_H-M   'I 41 2 2'
#
loop_
_entity.id
_entity.type
_entity.pdbx_description
1 polymer 'Chorismate synthase'
2 non-polymer 'SULFATE ION'
3 water water
#
_entity_poly.entity_id   1
_entity_poly.type   'polypeptide(L)'
_entity_poly.pdbx_seq_one_letter_code
;(MSE)NTFGTRLKFTSFGESHGVAVGCIIDG(MSE)PAGVKFDEEFLQNELDKRKGGSKFATPRKESDKAQVLSGVFEGY
TTGHPIAIVVFNENAHSKDYDNLKDLFRPAHADFTYFYKYGIRDHRGGGRSSARESVARVAGGAVAA(MSE)LLREFDIC
VQSGVFGVGTFVSNLKEEEFDFEFAKKSEIFCLDPKLESDFKNEILNARNSKDSVGAAVFTKVSG(MSE)LIGLGEVLYD
KLDSKLAHAL(MSE)GINAVKAVEIGEGINASK(MSE)RGSCNNDALKDGKFLSNHSGGILGGISNGENLILKTYFKPTP
SIFAKQESIDKFGNNLKFELKGRHDPCVGVRGSVVASA(MSE)VRLVLADCLLLNASANLNNLKNAYGLKLEHHHHHH
;
_entity_poly.pdbx_strand_id   A
#
loop_
_chem_comp.id
_chem_comp.type
_chem_comp.name
_chem_comp.formula
SO4 non-polymer 'SULFATE ION' 'O4 S -2'
#
# COMPACT_ATOMS: atom_id res chain seq x y z
N MSE A 1 -13.82 -14.87 4.60
CA MSE A 1 -12.96 -15.03 3.39
C MSE A 1 -11.58 -14.59 3.74
O MSE A 1 -11.40 -13.52 4.30
CB MSE A 1 -13.44 -14.18 2.22
CG MSE A 1 -14.76 -14.59 1.66
SE MSE A 1 -16.16 -14.37 2.96
CE MSE A 1 -16.41 -16.26 3.46
N ASN A 2 -10.60 -15.40 3.41
CA ASN A 2 -9.24 -15.02 3.69
C ASN A 2 -8.49 -14.85 2.41
N THR A 3 -9.22 -14.72 1.31
CA THR A 3 -8.60 -14.54 0.01
C THR A 3 -8.93 -13.15 -0.52
N PHE A 4 -8.00 -12.57 -1.25
CA PHE A 4 -8.19 -11.22 -1.78
C PHE A 4 -7.67 -11.02 -3.20
N GLY A 5 -8.43 -10.26 -3.99
CA GLY A 5 -8.04 -9.98 -5.36
C GLY A 5 -8.82 -10.73 -6.43
N THR A 6 -8.91 -10.14 -7.61
CA THR A 6 -9.60 -10.77 -8.74
C THR A 6 -8.72 -11.81 -9.40
N ARG A 7 -7.61 -11.38 -10.01
CA ARG A 7 -6.69 -12.29 -10.68
C ARG A 7 -5.49 -12.68 -9.80
N LEU A 8 -5.02 -11.75 -8.99
CA LEU A 8 -3.88 -11.98 -8.08
C LEU A 8 -4.43 -12.16 -6.66
N LYS A 9 -4.96 -13.35 -6.41
CA LYS A 9 -5.57 -13.71 -5.13
C LYS A 9 -4.62 -13.91 -3.98
N PHE A 10 -4.76 -13.10 -2.94
CA PHE A 10 -3.92 -13.21 -1.74
C PHE A 10 -4.70 -13.92 -0.66
N THR A 11 -4.09 -14.92 -0.02
CA THR A 11 -4.78 -15.64 1.04
C THR A 11 -3.92 -15.84 2.27
N SER A 12 -4.44 -15.47 3.43
CA SER A 12 -3.69 -15.64 4.67
C SER A 12 -4.41 -16.60 5.59
N PHE A 13 -3.66 -17.56 6.13
CA PHE A 13 -4.24 -18.52 7.03
C PHE A 13 -3.57 -18.36 8.38
N GLY A 14 -4.35 -18.57 9.42
CA GLY A 14 -3.82 -18.41 10.75
C GLY A 14 -3.34 -19.71 11.36
N GLU A 15 -2.86 -19.59 12.59
CA GLU A 15 -2.34 -20.73 13.34
C GLU A 15 -2.49 -20.40 14.82
N SER A 16 -3.39 -21.10 15.51
CA SER A 16 -3.60 -20.86 16.94
C SER A 16 -2.26 -20.86 17.66
N HIS A 17 -2.25 -20.34 18.89
CA HIS A 17 -1.02 -20.28 19.68
C HIS A 17 -0.07 -19.22 19.12
N GLY A 18 -0.44 -18.64 17.99
CA GLY A 18 0.38 -17.61 17.37
C GLY A 18 1.80 -18.00 17.07
N VAL A 19 2.05 -19.29 16.89
CA VAL A 19 3.39 -19.77 16.60
C VAL A 19 3.89 -19.09 15.33
N ALA A 20 3.01 -18.95 14.34
CA ALA A 20 3.35 -18.29 13.08
C ALA A 20 2.12 -18.11 12.17
N VAL A 21 2.24 -17.17 11.24
CA VAL A 21 1.17 -16.89 10.30
C VAL A 21 1.64 -17.35 8.92
N GLY A 22 0.76 -17.27 7.93
CA GLY A 22 1.15 -17.68 6.58
C GLY A 22 0.25 -17.12 5.52
N CYS A 23 0.80 -16.93 4.32
CA CYS A 23 0.00 -16.40 3.21
C CYS A 23 0.26 -17.19 1.94
N ILE A 24 -0.64 -17.03 0.97
CA ILE A 24 -0.52 -17.72 -0.31
C ILE A 24 -0.80 -16.69 -1.39
N ILE A 25 0.11 -16.53 -2.34
CA ILE A 25 -0.13 -15.58 -3.42
C ILE A 25 -0.29 -16.41 -4.68
N ASP A 26 -1.48 -16.41 -5.24
CA ASP A 26 -1.75 -17.18 -6.44
C ASP A 26 -2.03 -16.17 -7.55
N GLY A 27 -1.56 -16.48 -8.76
CA GLY A 27 -1.80 -15.59 -9.88
C GLY A 27 -0.58 -14.86 -10.38
N MSE A 28 0.52 -15.00 -9.65
CA MSE A 28 1.77 -14.35 -10.05
C MSE A 28 2.30 -14.96 -11.33
O MSE A 28 2.38 -16.19 -11.45
CB MSE A 28 2.81 -14.45 -8.94
CG MSE A 28 2.63 -13.43 -7.83
SE MSE A 28 3.49 -11.74 -8.19
CE MSE A 28 2.17 -10.86 -9.30
N PRO A 29 2.67 -14.13 -12.31
CA PRO A 29 3.19 -14.66 -13.56
C PRO A 29 4.55 -15.34 -13.36
N ALA A 30 4.87 -16.32 -14.18
CA ALA A 30 6.15 -17.01 -14.04
C ALA A 30 7.27 -16.13 -14.56
N GLY A 31 8.49 -16.46 -14.15
CA GLY A 31 9.63 -15.69 -14.59
C GLY A 31 9.71 -14.31 -13.98
N VAL A 32 9.83 -14.24 -12.66
CA VAL A 32 9.95 -12.97 -11.97
C VAL A 32 11.08 -13.11 -10.94
N LYS A 33 12.04 -12.21 -11.03
CA LYS A 33 13.19 -12.21 -10.14
C LYS A 33 12.66 -12.13 -8.71
N PHE A 34 12.77 -13.22 -7.97
CA PHE A 34 12.28 -13.23 -6.60
C PHE A 34 13.35 -12.76 -5.61
N ASP A 35 13.23 -11.51 -5.17
CA ASP A 35 14.16 -10.92 -4.23
C ASP A 35 13.73 -11.24 -2.82
N GLU A 36 14.09 -12.44 -2.34
CA GLU A 36 13.70 -12.86 -1.00
C GLU A 36 14.28 -11.98 0.09
N GLU A 37 15.13 -11.04 -0.30
CA GLU A 37 15.73 -10.11 0.65
C GLU A 37 14.74 -8.99 0.87
N PHE A 38 14.33 -8.37 -0.23
CA PHE A 38 13.36 -7.28 -0.19
C PHE A 38 12.13 -7.73 0.60
N LEU A 39 11.85 -9.03 0.56
CA LEU A 39 10.73 -9.58 1.29
C LEU A 39 11.05 -9.55 2.77
N GLN A 40 12.16 -10.19 3.12
CA GLN A 40 12.58 -10.25 4.51
C GLN A 40 12.74 -8.88 5.13
N ASN A 41 13.21 -7.91 4.33
CA ASN A 41 13.39 -6.56 4.85
C ASN A 41 12.08 -5.87 5.15
N GLU A 42 11.13 -6.01 4.23
CA GLU A 42 9.84 -5.37 4.42
C GLU A 42 9.20 -5.88 5.69
N LEU A 43 9.31 -7.19 5.93
CA LEU A 43 8.73 -7.75 7.13
C LEU A 43 9.33 -7.12 8.39
N ASP A 44 10.58 -6.68 8.29
CA ASP A 44 11.27 -6.06 9.43
C ASP A 44 10.82 -4.62 9.68
N LYS A 45 10.15 -4.03 8.70
CA LYS A 45 9.66 -2.66 8.85
C LYS A 45 8.48 -2.62 9.82
N ARG A 46 7.54 -3.55 9.66
CA ARG A 46 6.39 -3.57 10.56
C ARG A 46 6.87 -3.93 11.97
N LYS A 47 6.31 -3.26 12.98
CA LYS A 47 6.69 -3.48 14.38
C LYS A 47 8.21 -3.60 14.51
N GLY A 48 8.92 -2.66 13.88
CA GLY A 48 10.37 -2.66 13.93
C GLY A 48 10.91 -1.25 14.12
N ASP A 60 10.76 -14.30 13.37
CA ASP A 60 9.90 -13.56 12.44
C ASP A 60 10.50 -13.57 11.04
N LYS A 61 11.20 -14.65 10.70
CA LYS A 61 11.81 -14.78 9.37
C LYS A 61 10.85 -15.50 8.43
N ALA A 62 10.76 -14.99 7.20
CA ALA A 62 9.88 -15.54 6.16
C ALA A 62 10.50 -16.75 5.46
N GLN A 63 9.73 -17.82 5.34
CA GLN A 63 10.21 -19.03 4.68
C GLN A 63 9.37 -19.37 3.43
N VAL A 64 9.87 -18.99 2.26
CA VAL A 64 9.17 -19.26 1.02
C VAL A 64 9.02 -20.76 0.82
N LEU A 65 7.78 -21.24 0.80
CA LEU A 65 7.53 -22.67 0.62
C LEU A 65 7.42 -23.16 -0.82
N SER A 66 7.03 -22.30 -1.76
CA SER A 66 6.87 -22.72 -3.15
C SER A 66 6.64 -21.56 -4.10
N GLY A 67 6.30 -21.90 -5.34
CA GLY A 67 6.04 -20.88 -6.34
C GLY A 67 7.30 -20.28 -6.93
N VAL A 68 8.44 -20.63 -6.34
CA VAL A 68 9.72 -20.13 -6.81
C VAL A 68 10.76 -21.25 -6.89
N PHE A 69 11.64 -21.13 -7.88
CA PHE A 69 12.69 -22.11 -8.12
C PHE A 69 13.87 -21.45 -8.86
N GLU A 70 15.06 -21.50 -8.26
CA GLU A 70 16.26 -20.90 -8.84
C GLU A 70 16.19 -19.37 -8.92
N GLY A 71 15.59 -18.76 -7.90
CA GLY A 71 15.49 -17.31 -7.86
C GLY A 71 14.37 -16.66 -8.66
N TYR A 72 13.65 -17.47 -9.43
CA TYR A 72 12.55 -16.95 -10.24
C TYR A 72 11.19 -17.58 -9.90
N THR A 73 10.13 -16.82 -10.13
CA THR A 73 8.80 -17.32 -9.85
C THR A 73 8.44 -18.34 -10.91
N THR A 74 7.82 -19.42 -10.47
CA THR A 74 7.43 -20.50 -11.35
C THR A 74 6.10 -20.22 -12.03
N GLY A 75 5.29 -19.37 -11.40
CA GLY A 75 3.99 -19.05 -11.95
C GLY A 75 2.91 -19.77 -11.17
N HIS A 76 3.34 -20.55 -10.18
CA HIS A 76 2.42 -21.30 -9.33
C HIS A 76 2.26 -20.58 -8.00
N PRO A 77 1.26 -20.98 -7.18
CA PRO A 77 1.02 -20.35 -5.88
C PRO A 77 2.29 -20.32 -5.03
N ILE A 78 2.61 -19.14 -4.52
CA ILE A 78 3.80 -18.94 -3.71
C ILE A 78 3.48 -19.02 -2.23
N ALA A 79 3.65 -20.20 -1.63
CA ALA A 79 3.33 -20.30 -0.21
C ALA A 79 4.47 -19.72 0.64
N ILE A 80 4.10 -19.10 1.76
CA ILE A 80 5.08 -18.49 2.65
C ILE A 80 4.62 -18.61 4.10
N VAL A 81 5.57 -18.86 4.99
CA VAL A 81 5.27 -18.99 6.41
C VAL A 81 6.28 -18.16 7.19
N VAL A 82 5.78 -17.36 8.12
CA VAL A 82 6.64 -16.49 8.92
C VAL A 82 6.44 -16.78 10.40
N PHE A 83 7.55 -16.89 11.15
CA PHE A 83 7.49 -17.15 12.58
C PHE A 83 7.78 -15.90 13.41
N SER A 124 -7.30 -16.37 15.34
CA SER A 124 -7.48 -15.17 14.52
C SER A 124 -6.18 -14.72 13.86
N ALA A 125 -5.07 -15.05 14.51
CA ALA A 125 -3.72 -14.69 14.03
C ALA A 125 -3.54 -13.16 13.85
N ARG A 126 -2.30 -12.76 13.57
CA ARG A 126 -1.96 -11.35 13.35
C ARG A 126 -1.69 -11.09 11.85
N GLU A 127 -2.78 -11.15 11.06
CA GLU A 127 -2.79 -10.96 9.61
C GLU A 127 -1.77 -9.96 9.09
N SER A 128 -1.56 -8.90 9.86
CA SER A 128 -0.62 -7.84 9.51
C SER A 128 0.67 -8.39 8.89
N VAL A 129 1.27 -9.39 9.54
CA VAL A 129 2.50 -10.02 9.06
C VAL A 129 2.32 -10.62 7.67
N ALA A 130 1.21 -11.32 7.49
CA ALA A 130 0.89 -11.95 6.22
C ALA A 130 0.68 -10.88 5.14
N ARG A 131 -0.20 -9.92 5.39
CA ARG A 131 -0.49 -8.87 4.42
C ARG A 131 0.80 -8.27 3.90
N VAL A 132 1.78 -8.09 4.79
CA VAL A 132 3.08 -7.54 4.39
C VAL A 132 3.85 -8.52 3.49
N ALA A 133 4.00 -9.77 3.91
CA ALA A 133 4.70 -10.74 3.08
C ALA A 133 4.11 -10.71 1.68
N GLY A 134 2.80 -10.95 1.58
CA GLY A 134 2.12 -10.96 0.31
C GLY A 134 2.35 -9.72 -0.53
N GLY A 135 2.22 -8.54 0.08
CA GLY A 135 2.46 -7.31 -0.65
C GLY A 135 3.88 -7.25 -1.20
N ALA A 136 4.85 -7.72 -0.41
CA ALA A 136 6.26 -7.76 -0.81
C ALA A 136 6.38 -8.46 -2.15
N VAL A 137 5.88 -9.69 -2.17
CA VAL A 137 5.88 -10.50 -3.36
C VAL A 137 5.26 -9.75 -4.52
N ALA A 138 4.15 -9.06 -4.29
CA ALA A 138 3.52 -8.35 -5.38
C ALA A 138 4.37 -7.19 -5.86
N ALA A 139 5.17 -6.60 -4.97
CA ALA A 139 6.01 -5.48 -5.39
C ALA A 139 7.05 -5.97 -6.39
N MSE A 140 7.44 -7.23 -6.27
CA MSE A 140 8.40 -7.80 -7.19
C MSE A 140 7.88 -7.71 -8.61
O MSE A 140 8.63 -7.38 -9.53
CB MSE A 140 8.72 -9.25 -6.80
CG MSE A 140 9.56 -9.34 -5.52
SE MSE A 140 9.61 -11.13 -4.75
CE MSE A 140 9.45 -10.67 -2.87
N LEU A 141 6.59 -7.97 -8.81
CA LEU A 141 6.02 -7.87 -10.16
C LEU A 141 5.89 -6.40 -10.56
N LEU A 142 5.69 -5.53 -9.57
CA LEU A 142 5.54 -4.10 -9.83
C LEU A 142 6.85 -3.44 -10.23
N ARG A 143 7.95 -3.94 -9.69
CA ARG A 143 9.27 -3.40 -10.01
C ARG A 143 9.54 -3.62 -11.50
N GLU A 144 9.11 -4.75 -12.03
CA GLU A 144 9.32 -5.05 -13.44
C GLU A 144 8.71 -3.99 -14.35
N PHE A 145 7.82 -3.16 -13.81
CA PHE A 145 7.17 -2.11 -14.60
C PHE A 145 7.52 -0.74 -14.01
N ASP A 146 8.49 -0.76 -13.11
CA ASP A 146 8.96 0.43 -12.41
C ASP A 146 7.86 1.23 -11.76
N ILE A 147 7.02 0.51 -11.03
CA ILE A 147 5.93 1.10 -10.29
C ILE A 147 6.40 1.03 -8.84
N CYS A 148 6.47 2.20 -8.21
CA CYS A 148 6.95 2.26 -6.84
C CYS A 148 5.87 2.74 -5.90
N VAL A 149 5.69 2.01 -4.80
CA VAL A 149 4.70 2.37 -3.80
C VAL A 149 5.41 2.59 -2.47
N GLN A 150 5.23 3.77 -1.89
CA GLN A 150 5.84 4.12 -0.61
C GLN A 150 4.86 4.90 0.24
N SER A 151 4.96 4.74 1.56
CA SER A 151 4.08 5.40 2.53
C SER A 151 4.82 5.83 3.78
N GLY A 152 4.20 6.74 4.54
CA GLY A 152 4.79 7.23 5.76
C GLY A 152 3.81 8.01 6.61
N VAL A 153 4.12 8.21 7.89
CA VAL A 153 3.23 8.95 8.80
C VAL A 153 3.41 10.46 8.66
N PHE A 154 2.31 11.17 8.42
CA PHE A 154 2.39 12.62 8.30
C PHE A 154 1.62 13.33 9.37
N GLY A 155 0.90 12.56 10.18
CA GLY A 155 0.12 13.14 11.25
C GLY A 155 0.02 12.20 12.42
N VAL A 156 0.17 12.76 13.62
CA VAL A 156 0.06 11.97 14.83
C VAL A 156 -0.63 12.84 15.89
N GLY A 157 -1.81 12.42 16.30
CA GLY A 157 -2.55 13.19 17.29
C GLY A 157 -2.97 14.50 16.68
N THR A 158 -2.82 15.58 17.46
CA THR A 158 -3.18 16.92 17.02
C THR A 158 -2.07 17.52 16.14
N PHE A 159 -0.98 16.79 15.96
CA PHE A 159 0.14 17.22 15.13
C PHE A 159 -0.04 16.71 13.71
N VAL A 160 -0.44 17.58 12.79
CA VAL A 160 -0.64 17.15 11.41
C VAL A 160 0.14 18.02 10.41
N SER A 161 1.19 17.45 9.81
CA SER A 161 2.00 18.19 8.84
C SER A 161 1.16 18.92 7.83
N ASN A 162 1.43 20.21 7.67
CA ASN A 162 0.70 21.01 6.70
C ASN A 162 1.60 21.35 5.51
N LEU A 163 2.27 20.34 4.97
CA LEU A 163 3.14 20.49 3.82
C LEU A 163 2.40 20.06 2.56
N LYS A 164 3.04 20.20 1.42
CA LYS A 164 2.45 19.81 0.15
C LYS A 164 2.61 18.30 -0.04
N GLU A 165 1.61 17.69 -0.68
CA GLU A 165 1.61 16.25 -0.95
C GLU A 165 2.97 15.82 -1.49
N GLU A 166 3.35 16.40 -2.62
CA GLU A 166 4.62 16.07 -3.27
C GLU A 166 5.77 16.81 -2.59
N GLU A 167 5.64 17.06 -1.29
CA GLU A 167 6.67 17.76 -0.52
C GLU A 167 7.14 16.98 0.71
N PHE A 168 6.41 15.92 1.04
CA PHE A 168 6.75 15.09 2.19
C PHE A 168 8.08 14.39 1.88
N ASP A 169 8.95 14.33 2.88
CA ASP A 169 10.26 13.72 2.70
C ASP A 169 10.27 12.22 2.89
N PHE A 170 10.27 11.49 1.78
CA PHE A 170 10.29 10.04 1.84
C PHE A 170 11.69 9.55 2.19
N GLU A 171 12.69 10.34 1.84
CA GLU A 171 14.07 9.98 2.14
C GLU A 171 14.17 9.95 3.66
N PHE A 172 13.67 11.01 4.28
CA PHE A 172 13.66 11.14 5.73
C PHE A 172 12.77 10.02 6.31
N ALA A 173 11.66 9.74 5.63
CA ALA A 173 10.74 8.70 6.08
C ALA A 173 11.44 7.36 6.26
N LYS A 174 12.19 6.94 5.25
CA LYS A 174 12.89 5.66 5.29
C LYS A 174 13.79 5.54 6.51
N LYS A 175 14.51 6.60 6.82
CA LYS A 175 15.45 6.60 7.95
C LYS A 175 14.79 6.84 9.31
N SER A 176 13.54 7.31 9.31
CA SER A 176 12.80 7.57 10.55
C SER A 176 12.27 6.30 11.21
N GLU A 177 12.31 6.29 12.55
CA GLU A 177 11.83 5.16 13.32
C GLU A 177 10.32 5.10 13.25
N ILE A 178 9.69 6.20 12.81
CA ILE A 178 8.24 6.23 12.72
C ILE A 178 7.73 6.57 11.33
N PHE A 179 8.63 6.58 10.36
CA PHE A 179 8.28 6.87 8.96
C PHE A 179 7.77 8.29 8.75
N CYS A 180 8.22 9.21 9.60
CA CYS A 180 7.82 10.61 9.50
C CYS A 180 8.10 11.18 8.11
N LEU A 181 7.16 11.98 7.58
CA LEU A 181 7.31 12.60 6.25
C LEU A 181 7.54 14.10 6.35
N ASP A 182 7.52 14.63 7.57
CA ASP A 182 7.74 16.06 7.82
C ASP A 182 8.76 16.12 8.95
N PRO A 183 10.05 16.30 8.62
CA PRO A 183 11.14 16.37 9.60
C PRO A 183 10.99 17.45 10.68
N LYS A 184 10.14 18.42 10.44
CA LYS A 184 9.90 19.50 11.39
C LYS A 184 8.97 19.05 12.52
N LEU A 185 8.23 17.97 12.30
CA LEU A 185 7.32 17.46 13.31
C LEU A 185 7.73 16.09 13.83
N GLU A 186 8.85 15.58 13.35
CA GLU A 186 9.31 14.26 13.75
C GLU A 186 9.53 14.13 15.25
N SER A 187 9.83 15.25 15.92
CA SER A 187 10.05 15.24 17.37
C SER A 187 8.71 15.26 18.11
N ASP A 188 7.72 15.93 17.53
CA ASP A 188 6.41 16.02 18.14
C ASP A 188 5.66 14.69 18.06
N PHE A 189 5.77 14.02 16.91
CA PHE A 189 5.11 12.75 16.77
C PHE A 189 5.64 11.81 17.86
N LYS A 190 6.97 11.70 17.95
CA LYS A 190 7.61 10.82 18.94
C LYS A 190 7.12 11.10 20.36
N ASN A 191 7.16 12.37 20.71
CA ASN A 191 6.74 12.84 22.02
C ASN A 191 5.27 12.47 22.23
N GLU A 192 4.43 12.83 21.26
CA GLU A 192 2.99 12.55 21.32
C GLU A 192 2.73 11.07 21.53
N ILE A 193 3.51 10.23 20.86
CA ILE A 193 3.39 8.78 20.97
C ILE A 193 3.86 8.32 22.34
N LEU A 194 5.06 8.75 22.73
CA LEU A 194 5.62 8.39 24.02
C LEU A 194 4.61 8.82 25.10
N ASN A 195 4.18 10.08 25.05
CA ASN A 195 3.22 10.58 26.02
C ASN A 195 2.01 9.66 26.08
N ALA A 196 1.50 9.30 24.90
CA ALA A 196 0.35 8.41 24.81
C ALA A 196 0.66 7.05 25.41
N ARG A 197 1.90 6.62 25.31
CA ARG A 197 2.31 5.32 25.86
C ARG A 197 2.29 5.37 27.38
N ASN A 198 3.21 6.15 27.95
CA ASN A 198 3.32 6.28 29.40
C ASN A 198 1.96 6.47 30.06
N SER A 199 1.08 7.23 29.39
CA SER A 199 -0.26 7.50 29.92
C SER A 199 -1.13 6.25 29.86
N LYS A 200 -0.56 5.16 29.34
CA LYS A 200 -1.32 3.90 29.19
C LYS A 200 -2.54 4.24 28.35
N ASP A 201 -2.30 4.86 27.20
CA ASP A 201 -3.38 5.26 26.29
C ASP A 201 -2.83 5.10 24.87
N SER A 202 -3.64 5.44 23.87
CA SER A 202 -3.20 5.32 22.49
C SER A 202 -3.53 6.62 21.75
N VAL A 203 -3.09 6.71 20.50
CA VAL A 203 -3.33 7.89 19.68
C VAL A 203 -3.43 7.55 18.20
N GLY A 204 -4.32 8.23 17.49
CA GLY A 204 -4.49 7.99 16.06
C GLY A 204 -3.32 8.49 15.23
N ALA A 205 -3.41 8.31 13.91
CA ALA A 205 -2.36 8.76 12.97
C ALA A 205 -2.87 8.85 11.54
N ALA A 206 -2.23 9.71 10.73
CA ALA A 206 -2.61 9.89 9.33
C ALA A 206 -1.48 9.41 8.40
N VAL A 207 -1.78 8.39 7.59
CA VAL A 207 -0.78 7.85 6.67
C VAL A 207 -0.89 8.36 5.26
N PHE A 208 0.26 8.50 4.61
CA PHE A 208 0.33 8.97 3.22
C PHE A 208 1.01 7.94 2.31
N THR A 209 0.27 7.45 1.33
CA THR A 209 0.81 6.48 0.39
C THR A 209 0.91 7.09 -0.99
N LYS A 210 2.13 7.16 -1.49
CA LYS A 210 2.39 7.72 -2.81
C LYS A 210 2.86 6.62 -3.74
N VAL A 211 2.33 6.61 -4.95
CA VAL A 211 2.73 5.62 -5.94
C VAL A 211 3.21 6.34 -7.19
N SER A 212 4.46 6.08 -7.57
CA SER A 212 5.07 6.71 -8.75
C SER A 212 5.28 5.70 -9.86
N GLY A 213 5.58 6.20 -11.06
CA GLY A 213 5.79 5.34 -12.20
C GLY A 213 4.50 4.63 -12.53
N MSE A 214 3.39 5.34 -12.40
CA MSE A 214 2.10 4.76 -12.68
C MSE A 214 1.81 4.59 -14.17
O MSE A 214 2.03 5.50 -14.96
CB MSE A 214 1.00 5.62 -12.04
CG MSE A 214 0.75 5.30 -10.57
SE MSE A 214 0.09 3.49 -10.36
CE MSE A 214 -1.55 3.69 -11.38
N LEU A 215 1.32 3.40 -14.53
CA LEU A 215 0.96 3.13 -15.93
C LEU A 215 -0.41 3.76 -16.13
N ILE A 216 -0.97 3.65 -17.33
CA ILE A 216 -2.30 4.22 -17.60
C ILE A 216 -3.29 3.10 -17.86
N GLY A 217 -4.52 3.28 -17.41
CA GLY A 217 -5.52 2.25 -17.65
C GLY A 217 -5.64 1.16 -16.59
N LEU A 218 -4.85 1.24 -15.52
CA LEU A 218 -4.96 0.25 -14.46
C LEU A 218 -6.28 0.44 -13.71
N GLY A 219 -7.14 -0.58 -13.75
CA GLY A 219 -8.42 -0.48 -13.09
C GLY A 219 -9.55 -0.93 -13.99
N GLU A 220 -10.39 -1.81 -13.47
CA GLU A 220 -11.54 -2.36 -14.20
C GLU A 220 -12.78 -1.51 -13.97
N VAL A 221 -13.08 -0.65 -14.93
CA VAL A 221 -14.23 0.23 -14.81
C VAL A 221 -15.56 -0.45 -14.56
N LEU A 222 -16.36 0.31 -13.80
CA LEU A 222 -17.70 0.00 -13.33
C LEU A 222 -17.67 -0.50 -11.90
N TYR A 223 -17.38 -1.78 -11.69
CA TYR A 223 -17.37 -2.29 -10.31
C TYR A 223 -16.08 -2.96 -9.82
N ASP A 224 -14.95 -2.45 -10.29
CA ASP A 224 -13.65 -2.93 -9.84
C ASP A 224 -12.61 -1.88 -10.19
N LYS A 225 -13.04 -0.62 -10.00
CA LYS A 225 -12.23 0.56 -10.25
C LYS A 225 -11.03 0.61 -9.30
N LEU A 226 -9.94 1.20 -9.77
CA LEU A 226 -8.75 1.29 -8.97
C LEU A 226 -8.98 2.00 -7.64
N ASP A 227 -9.80 3.05 -7.62
CA ASP A 227 -10.04 3.72 -6.34
C ASP A 227 -10.88 2.80 -5.43
N SER A 228 -11.91 2.16 -5.97
CA SER A 228 -12.73 1.23 -5.19
C SER A 228 -11.83 0.20 -4.51
N LYS A 229 -11.09 -0.56 -5.32
CA LYS A 229 -10.20 -1.57 -4.78
C LYS A 229 -9.30 -0.99 -3.73
N LEU A 230 -8.76 0.19 -3.99
CA LEU A 230 -7.85 0.79 -3.03
C LEU A 230 -8.56 1.09 -1.73
N ALA A 231 -9.76 1.65 -1.84
CA ALA A 231 -10.56 2.01 -0.69
C ALA A 231 -10.91 0.80 0.14
N HIS A 232 -11.19 -0.30 -0.56
CA HIS A 232 -11.57 -1.57 0.04
C HIS A 232 -10.37 -2.17 0.79
N ALA A 233 -9.21 -2.18 0.16
CA ALA A 233 -8.02 -2.74 0.80
C ALA A 233 -7.52 -1.89 1.98
N LEU A 234 -7.64 -0.55 1.86
CA LEU A 234 -7.19 0.36 2.92
C LEU A 234 -8.17 0.42 4.10
N MSE A 235 -9.46 0.66 3.84
CA MSE A 235 -10.48 0.70 4.92
C MSE A 235 -10.45 -0.63 5.66
O MSE A 235 -10.69 -0.68 6.85
CB MSE A 235 -11.89 0.90 4.35
CG MSE A 235 -12.38 2.33 4.14
SE MSE A 235 -12.69 3.32 5.77
CE MSE A 235 -13.00 1.82 6.94
N GLY A 236 -10.17 -1.70 4.91
CA GLY A 236 -10.11 -3.03 5.51
C GLY A 236 -9.03 -3.17 6.58
N ILE A 237 -8.00 -2.32 6.50
CA ILE A 237 -6.91 -2.37 7.45
C ILE A 237 -7.42 -2.05 8.85
N ASN A 238 -6.85 -2.71 9.85
CA ASN A 238 -7.24 -2.48 11.23
C ASN A 238 -7.05 -1.04 11.61
N ALA A 239 -7.99 -0.52 12.38
CA ALA A 239 -7.91 0.84 12.86
C ALA A 239 -8.24 1.93 11.85
N VAL A 240 -8.40 1.58 10.58
CA VAL A 240 -8.69 2.61 9.58
C VAL A 240 -10.13 3.07 9.59
N LYS A 241 -10.33 4.38 9.64
CA LYS A 241 -11.68 4.93 9.66
C LYS A 241 -11.97 5.94 8.54
N ALA A 242 -10.96 6.24 7.73
CA ALA A 242 -11.15 7.16 6.61
C ALA A 242 -10.10 6.96 5.52
N VAL A 243 -10.50 7.24 4.29
CA VAL A 243 -9.63 7.09 3.14
C VAL A 243 -9.81 8.22 2.15
N GLU A 244 -8.69 8.81 1.73
CA GLU A 244 -8.73 9.92 0.79
C GLU A 244 -7.93 9.67 -0.47
N ILE A 245 -8.44 10.18 -1.58
CA ILE A 245 -7.73 10.06 -2.83
C ILE A 245 -7.60 11.44 -3.43
N GLY A 246 -6.37 11.95 -3.40
CA GLY A 246 -6.11 13.27 -3.93
C GLY A 246 -6.70 14.33 -3.05
N GLU A 247 -7.30 15.36 -3.64
CA GLU A 247 -7.90 16.44 -2.86
C GLU A 247 -8.74 15.94 -1.70
N GLY A 248 -9.26 14.71 -1.82
CA GLY A 248 -10.08 14.14 -0.75
C GLY A 248 -11.30 14.93 -0.30
N ILE A 249 -11.46 15.03 1.01
CA ILE A 249 -12.60 15.76 1.57
C ILE A 249 -12.63 17.18 1.04
N ASN A 250 -11.45 17.77 0.85
CA ASN A 250 -11.32 19.13 0.37
C ASN A 250 -11.89 19.34 -1.04
N ALA A 251 -11.85 18.30 -1.85
CA ALA A 251 -12.38 18.46 -3.19
C ALA A 251 -13.86 18.78 -3.07
N SER A 252 -14.50 18.42 -1.96
CA SER A 252 -15.92 18.66 -1.83
C SER A 252 -16.26 20.15 -1.66
N LYS A 253 -15.29 20.91 -1.17
CA LYS A 253 -15.43 22.33 -0.92
C LYS A 253 -14.89 23.19 -2.06
N MSE A 254 -14.48 22.55 -3.16
CA MSE A 254 -13.92 23.27 -4.30
C MSE A 254 -14.93 23.46 -5.44
O MSE A 254 -16.06 22.99 -5.36
CB MSE A 254 -12.71 22.52 -4.86
CG MSE A 254 -11.43 22.69 -4.06
SE MSE A 254 -10.07 21.40 -4.58
CE MSE A 254 -9.24 22.33 -6.07
N ARG A 255 -14.51 24.17 -6.46
CA ARG A 255 -15.36 24.38 -7.63
C ARG A 255 -14.70 23.72 -8.83
N GLY A 256 -15.51 23.26 -9.77
CA GLY A 256 -14.96 22.61 -10.95
C GLY A 256 -13.75 23.31 -11.56
N SER A 257 -13.81 24.63 -11.61
CA SER A 257 -12.74 25.43 -12.18
C SER A 257 -11.42 25.36 -11.42
N CYS A 258 -11.44 24.80 -10.22
CA CYS A 258 -10.22 24.69 -9.40
C CYS A 258 -9.74 23.23 -9.22
N ASN A 259 -10.65 22.27 -9.39
CA ASN A 259 -10.32 20.86 -9.23
C ASN A 259 -9.91 20.22 -10.55
N ASN A 260 -10.47 20.72 -11.63
CA ASN A 260 -10.20 20.25 -12.98
C ASN A 260 -8.71 20.11 -13.29
N ASP A 261 -8.31 18.94 -13.76
CA ASP A 261 -6.91 18.70 -14.12
C ASP A 261 -6.85 18.61 -15.65
N ALA A 262 -6.31 19.62 -16.30
CA ALA A 262 -6.22 19.59 -17.76
C ALA A 262 -4.81 19.32 -18.25
N LEU A 263 -4.69 19.11 -19.56
CA LEU A 263 -3.41 18.86 -20.21
C LEU A 263 -3.36 19.45 -21.63
N LYS A 264 -4.24 18.92 -22.49
CA LYS A 264 -4.37 19.34 -23.90
C LYS A 264 -3.08 19.16 -24.70
N ASP A 265 -1.96 19.05 -24.01
CA ASP A 265 -0.67 18.89 -24.67
C ASP A 265 0.03 17.61 -24.21
N GLY A 266 1.09 17.77 -23.42
CA GLY A 266 1.83 16.63 -22.92
C GLY A 266 1.05 15.91 -21.82
N LYS A 267 1.63 15.84 -20.62
CA LYS A 267 0.94 15.15 -19.53
C LYS A 267 -0.07 16.09 -18.83
N PHE A 268 -0.55 15.66 -17.66
CA PHE A 268 -1.55 16.44 -16.90
C PHE A 268 -0.89 17.59 -16.18
N LEU A 269 -1.60 18.72 -16.08
CA LEU A 269 -1.05 19.88 -15.39
C LEU A 269 -1.09 19.67 -13.87
N SER A 270 -2.28 19.79 -13.31
CA SER A 270 -2.50 19.61 -11.87
C SER A 270 -2.83 18.15 -11.57
N ASN A 271 -2.72 17.74 -10.31
CA ASN A 271 -3.03 16.36 -9.93
C ASN A 271 -4.05 16.26 -8.81
N HIS A 272 -5.12 17.04 -8.91
CA HIS A 272 -6.15 17.05 -7.89
C HIS A 272 -6.82 15.70 -7.77
N SER A 273 -6.95 15.02 -8.91
CA SER A 273 -7.57 13.72 -9.00
C SER A 273 -6.88 12.64 -8.18
N GLY A 274 -5.62 12.85 -7.84
CA GLY A 274 -4.91 11.84 -7.07
C GLY A 274 -4.33 10.72 -7.92
N GLY A 275 -4.53 10.80 -9.24
CA GLY A 275 -4.00 9.81 -10.15
C GLY A 275 -5.01 8.80 -10.68
N ILE A 276 -6.29 9.12 -10.49
CA ILE A 276 -7.38 8.25 -10.92
C ILE A 276 -8.52 9.10 -11.49
N LEU A 277 -9.03 8.71 -12.65
CA LEU A 277 -10.13 9.42 -13.30
C LEU A 277 -11.07 8.41 -13.91
N GLY A 278 -12.32 8.40 -13.45
CA GLY A 278 -13.27 7.44 -13.96
C GLY A 278 -13.04 6.05 -13.40
N GLY A 279 -12.13 5.94 -12.43
CA GLY A 279 -11.86 4.64 -11.85
C GLY A 279 -10.66 3.96 -12.45
N ILE A 280 -10.01 4.63 -13.39
CA ILE A 280 -8.83 4.05 -14.01
C ILE A 280 -7.72 5.07 -13.81
N SER A 281 -6.49 4.57 -13.65
CA SER A 281 -5.31 5.43 -13.44
C SER A 281 -5.00 6.21 -14.71
N ASN A 282 -4.59 7.47 -14.55
CA ASN A 282 -4.29 8.35 -15.68
C ASN A 282 -2.80 8.57 -15.93
N GLY A 283 -1.94 7.89 -15.18
CA GLY A 283 -0.51 8.07 -15.36
C GLY A 283 0.11 8.84 -14.21
N GLU A 284 -0.57 9.88 -13.73
CA GLU A 284 -0.04 10.66 -12.63
C GLU A 284 0.21 9.83 -11.38
N ASN A 285 1.00 10.37 -10.47
CA ASN A 285 1.30 9.67 -9.22
C ASN A 285 0.01 9.37 -8.50
N LEU A 286 0.09 8.50 -7.51
CA LEU A 286 -1.09 8.14 -6.75
C LEU A 286 -1.04 8.80 -5.39
N ILE A 287 -2.07 9.59 -5.07
CA ILE A 287 -2.13 10.28 -3.78
C ILE A 287 -3.22 9.66 -2.91
N LEU A 288 -2.81 8.76 -2.03
CA LEU A 288 -3.75 8.06 -1.15
C LEU A 288 -3.48 8.38 0.29
N LYS A 289 -4.53 8.69 1.05
CA LYS A 289 -4.33 8.97 2.46
C LYS A 289 -5.21 8.08 3.31
N THR A 290 -4.59 7.39 4.27
CA THR A 290 -5.28 6.48 5.18
C THR A 290 -5.18 6.97 6.62
N TYR A 291 -6.33 7.24 7.24
CA TYR A 291 -6.37 7.72 8.61
C TYR A 291 -6.66 6.64 9.63
N PHE A 292 -5.72 6.43 10.53
CA PHE A 292 -5.85 5.43 11.57
C PHE A 292 -6.35 6.02 12.88
N LYS A 293 -7.23 5.27 13.54
CA LYS A 293 -7.78 5.71 14.82
C LYS A 293 -6.84 5.19 15.90
N PRO A 294 -6.98 5.70 17.13
CA PRO A 294 -6.11 5.21 18.19
C PRO A 294 -6.42 3.76 18.54
N THR A 295 -5.36 3.00 18.76
CA THR A 295 -5.43 1.58 19.11
C THR A 295 -6.45 1.36 20.22
N PRO A 296 -7.38 0.42 20.04
CA PRO A 296 -8.42 0.14 21.06
C PRO A 296 -7.84 -0.43 22.36
N GLY A 318 6.60 0.10 29.24
CA GLY A 318 5.53 0.29 28.28
C GLY A 318 5.22 -0.95 27.46
N ARG A 319 3.95 -1.10 27.08
CA ARG A 319 3.49 -2.24 26.27
C ARG A 319 2.44 -1.80 25.25
N HIS A 320 1.81 -2.78 24.60
CA HIS A 320 0.77 -2.54 23.59
C HIS A 320 1.27 -1.58 22.49
N ASP A 321 0.36 -1.07 21.67
CA ASP A 321 0.76 -0.15 20.62
C ASP A 321 0.04 1.19 20.81
N PRO A 322 0.75 2.20 21.32
CA PRO A 322 0.19 3.52 21.55
C PRO A 322 -0.16 4.26 20.26
N CYS A 323 0.30 3.72 19.14
CA CYS A 323 0.04 4.32 17.84
C CYS A 323 0.26 3.31 16.74
N VAL A 324 -0.78 2.53 16.44
CA VAL A 324 -0.68 1.50 15.43
C VAL A 324 -0.64 2.07 14.02
N GLY A 325 -0.88 3.37 13.89
CA GLY A 325 -0.85 3.99 12.57
C GLY A 325 0.56 3.97 11.98
N VAL A 326 1.56 3.72 12.82
CA VAL A 326 2.92 3.67 12.33
C VAL A 326 3.10 2.34 11.62
N ARG A 327 2.87 1.24 12.33
CA ARG A 327 2.98 -0.10 11.74
C ARG A 327 1.98 -0.16 10.58
N GLY A 328 0.85 0.51 10.76
CA GLY A 328 -0.18 0.52 9.73
C GLY A 328 0.25 1.10 8.41
N SER A 329 1.20 2.03 8.43
CA SER A 329 1.68 2.63 7.20
C SER A 329 2.36 1.55 6.37
N VAL A 330 3.08 0.66 7.04
CA VAL A 330 3.78 -0.43 6.35
C VAL A 330 2.77 -1.37 5.67
N VAL A 331 1.63 -1.57 6.32
CA VAL A 331 0.59 -2.44 5.79
C VAL A 331 -0.17 -1.73 4.67
N ALA A 332 -0.42 -0.43 4.84
CA ALA A 332 -1.11 0.33 3.80
C ALA A 332 -0.32 0.21 2.51
N SER A 333 1.00 0.07 2.61
CA SER A 333 1.82 -0.08 1.42
C SER A 333 1.57 -1.44 0.78
N ALA A 334 1.71 -2.50 1.57
CA ALA A 334 1.49 -3.87 1.08
C ALA A 334 0.16 -3.99 0.36
N MSE A 335 -0.91 -3.51 0.99
CA MSE A 335 -2.23 -3.57 0.39
C MSE A 335 -2.32 -2.83 -0.94
O MSE A 335 -2.90 -3.34 -1.90
CB MSE A 335 -3.29 -3.00 1.35
CG MSE A 335 -3.52 -3.80 2.61
SE MSE A 335 -3.75 -5.71 2.32
CE MSE A 335 -5.43 -5.73 1.35
N VAL A 336 -1.76 -1.63 -1.02
CA VAL A 336 -1.82 -0.88 -2.27
C VAL A 336 -0.98 -1.61 -3.31
N ARG A 337 -0.01 -2.38 -2.82
CA ARG A 337 0.85 -3.14 -3.70
C ARG A 337 0.00 -4.23 -4.34
N LEU A 338 -0.59 -5.09 -3.50
CA LEU A 338 -1.42 -6.20 -3.98
C LEU A 338 -2.44 -5.74 -5.02
N VAL A 339 -3.17 -4.68 -4.70
CA VAL A 339 -4.16 -4.17 -5.64
C VAL A 339 -3.53 -3.84 -6.99
N LEU A 340 -2.57 -2.91 -7.02
CA LEU A 340 -1.92 -2.53 -8.28
C LEU A 340 -1.39 -3.72 -9.08
N ALA A 341 -0.72 -4.65 -8.40
CA ALA A 341 -0.19 -5.82 -9.08
C ALA A 341 -1.34 -6.67 -9.56
N ASP A 342 -2.52 -6.44 -9.00
CA ASP A 342 -3.70 -7.19 -9.40
C ASP A 342 -4.31 -6.55 -10.65
N CYS A 343 -4.47 -5.24 -10.68
CA CYS A 343 -5.04 -4.57 -11.85
C CYS A 343 -4.11 -4.74 -13.04
N LEU A 344 -2.83 -4.83 -12.74
CA LEU A 344 -1.78 -4.97 -13.77
C LEU A 344 -2.02 -6.24 -14.59
N LEU A 345 -2.43 -7.31 -13.92
CA LEU A 345 -2.71 -8.57 -14.60
C LEU A 345 -4.11 -8.53 -15.24
N LEU A 346 -5.08 -7.95 -14.54
CA LEU A 346 -6.43 -7.85 -15.06
C LEU A 346 -6.50 -7.09 -16.37
N ASN A 347 -5.72 -6.02 -16.47
CA ASN A 347 -5.75 -5.17 -17.65
C ASN A 347 -4.87 -5.71 -18.78
N ALA A 348 -4.33 -6.91 -18.60
CA ALA A 348 -3.47 -7.50 -19.61
C ALA A 348 -4.20 -7.72 -20.92
N SER A 349 -5.24 -8.53 -20.88
CA SER A 349 -6.04 -8.87 -22.04
C SER A 349 -7.17 -7.88 -22.39
N ALA A 350 -6.96 -6.60 -22.11
CA ALA A 350 -8.01 -5.60 -22.39
C ALA A 350 -7.97 -5.16 -23.83
N ASN A 351 -6.97 -5.62 -24.56
CA ASN A 351 -6.82 -5.22 -25.95
C ASN A 351 -6.39 -6.39 -26.82
N LEU A 352 -7.12 -6.58 -27.91
CA LEU A 352 -6.83 -7.66 -28.84
C LEU A 352 -5.39 -7.66 -29.33
N ASN A 353 -4.84 -6.46 -29.51
CA ASN A 353 -3.46 -6.31 -29.96
C ASN A 353 -2.56 -6.94 -28.89
N ASN A 354 -2.75 -6.51 -27.66
CA ASN A 354 -1.98 -7.02 -26.52
C ASN A 354 -2.04 -8.53 -26.52
N LEU A 355 -3.25 -9.05 -26.67
CA LEU A 355 -3.52 -10.46 -26.66
C LEU A 355 -2.73 -11.21 -27.74
N LYS A 356 -2.79 -10.75 -28.99
CA LYS A 356 -2.05 -11.39 -30.07
C LYS A 356 -0.56 -11.38 -29.74
N ASN A 357 -0.09 -10.26 -29.19
CA ASN A 357 1.30 -10.10 -28.78
C ASN A 357 1.63 -11.12 -27.70
N ALA A 358 0.68 -11.28 -26.77
CA ALA A 358 0.83 -12.21 -25.66
C ALA A 358 1.00 -13.64 -26.20
N TYR A 359 0.27 -13.97 -27.24
CA TYR A 359 0.36 -15.30 -27.84
C TYR A 359 1.24 -15.29 -29.09
N GLY A 360 2.19 -14.34 -29.15
CA GLY A 360 3.09 -14.24 -30.29
C GLY A 360 2.45 -13.73 -31.57
S SO4 B . -11.46 -1.30 13.15
O1 SO4 B . -10.71 -2.20 14.07
O2 SO4 B . -12.76 -1.92 12.77
O3 SO4 B . -11.73 -0.02 13.83
O4 SO4 B . -10.67 -1.08 11.93
S SO4 C . 6.94 -24.96 -7.24
O1 SO4 C . 7.75 -24.20 -6.24
O2 SO4 C . 7.87 -25.72 -8.12
O3 SO4 C . 6.04 -25.90 -6.51
O4 SO4 C . 6.14 -24.01 -8.06
#